data_7PJ8
#
_entry.id   7PJ8
#
_cell.length_a   39.560
_cell.length_b   103.070
_cell.length_c   42.170
_cell.angle_alpha   90.000
_cell.angle_beta   106.009
_cell.angle_gamma   90.000
#
_symmetry.space_group_name_H-M   'P 1 21 1'
#
loop_
_entity.id
_entity.type
_entity.pdbx_description
1 polymer 'YTH domain-containing protein 1'
2 non-polymer N-methyl-1H-indole-4-carboxamide
3 non-polymer 'SULFATE ION'
4 water water
#
_entity_poly.entity_id   1
_entity_poly.type   'polypeptide(L)'
_entity_poly.pdbx_seq_one_letter_code
;MHHHHHHSSGRENLYFQGTSKLKYVLQDARFFLIKSNNHENVSLAKAKGVWSTLPVNEKKLNLAFRSARSVILIFSVRES
GKFQGFARLSSESHHGGSPIHWVLPAGMSAKMLGGVFKIDWICRRELPFTKSAHLTNPWNEHKPVKIGRDGQEIELECGT
QLCLLFPPDESIDLYQVIHKMRH
;
_entity_poly.pdbx_strand_id   A,B
#
loop_
_chem_comp.id
_chem_comp.type
_chem_comp.name
_chem_comp.formula
7RT non-polymer N-methyl-1H-indole-4-carboxamide 'C10 H10 N2 O'
SO4 non-polymer 'SULFATE ION' 'O4 S -2'
#
# COMPACT_ATOMS: atom_id res chain seq x y z
N GLY A 18 -18.26 13.50 13.95
CA GLY A 18 -17.76 13.94 12.67
C GLY A 18 -16.29 13.65 12.45
N THR A 19 -15.77 14.06 11.29
CA THR A 19 -14.36 13.87 10.96
C THR A 19 -13.65 15.18 10.70
N SER A 20 -14.32 16.33 10.90
CA SER A 20 -13.73 17.59 10.45
C SER A 20 -12.59 18.04 11.37
N LYS A 21 -12.80 17.98 12.69
CA LYS A 21 -11.71 18.34 13.60
C LYS A 21 -10.56 17.35 13.46
N LEU A 22 -10.85 16.08 13.22
CA LEU A 22 -9.80 15.10 12.96
C LEU A 22 -8.97 15.50 11.75
N LYS A 23 -9.65 15.82 10.64
CA LYS A 23 -8.94 16.27 9.44
C LYS A 23 -8.09 17.50 9.72
N TYR A 24 -8.60 18.41 10.55
CA TYR A 24 -7.84 19.61 10.89
C TYR A 24 -6.56 19.27 11.64
N VAL A 25 -6.66 18.36 12.61
CA VAL A 25 -5.48 17.95 13.38
C VAL A 25 -4.45 17.30 12.48
N LEU A 26 -4.89 16.54 11.48
CA LEU A 26 -4.00 15.80 10.61
C LEU A 26 -3.44 16.63 9.47
N GLN A 27 -3.94 17.86 9.26
CA GLN A 27 -3.49 18.69 8.16
C GLN A 27 -2.00 18.97 8.28
N ASP A 28 -1.25 18.59 7.23
CA ASP A 28 0.20 18.79 7.19
C ASP A 28 0.92 18.13 8.37
N ALA A 29 0.33 17.05 8.91
CA ALA A 29 0.97 16.31 9.99
C ALA A 29 2.09 15.44 9.43
N ARG A 30 2.96 15.00 10.33
CA ARG A 30 3.83 13.86 10.07
C ARG A 30 3.37 12.64 10.88
N PHE A 31 3.69 11.47 10.36
CA PHE A 31 3.16 10.22 10.88
C PHE A 31 4.29 9.23 11.04
N PHE A 32 4.31 8.53 12.17
CA PHE A 32 5.32 7.51 12.42
C PHE A 32 4.66 6.23 12.91
N LEU A 33 5.11 5.10 12.34
CA LEU A 33 4.68 3.78 12.77
C LEU A 33 5.44 3.40 14.04
N ILE A 34 4.69 3.02 15.09
CA ILE A 34 5.27 2.62 16.35
C ILE A 34 4.90 1.16 16.58
N LYS A 35 5.89 0.29 16.64
CA LYS A 35 5.65 -1.13 16.86
C LYS A 35 5.99 -1.50 18.29
N SER A 36 4.99 -1.99 19.04
CA SER A 36 5.20 -2.42 20.41
C SER A 36 5.33 -3.94 20.45
N ASN A 37 6.23 -4.43 21.30
CA ASN A 37 6.38 -5.88 21.41
C ASN A 37 5.21 -6.53 22.15
N ASN A 38 4.44 -5.77 22.92
CA ASN A 38 3.37 -6.36 23.71
C ASN A 38 2.21 -5.39 23.86
N HIS A 39 1.06 -5.93 24.28
CA HIS A 39 -0.10 -5.09 24.52
C HIS A 39 0.05 -4.28 25.80
N GLU A 40 0.79 -4.79 26.79
CA GLU A 40 0.90 -4.09 28.08
C GLU A 40 1.43 -2.67 27.91
N ASN A 41 2.44 -2.49 27.05
CA ASN A 41 3.01 -1.15 26.89
C ASN A 41 2.04 -0.20 26.20
N VAL A 42 1.27 -0.69 25.23
CA VAL A 42 0.25 0.15 24.61
C VAL A 42 -0.84 0.50 25.61
N SER A 43 -1.19 -0.46 26.48
CA SER A 43 -2.18 -0.17 27.52
C SER A 43 -1.68 0.91 28.48
N LEU A 44 -0.39 0.81 28.88
CA LEU A 44 0.20 1.85 29.71
C LEU A 44 0.20 3.19 28.99
N ALA A 45 0.53 3.21 27.69
CA ALA A 45 0.54 4.44 26.93
C ALA A 45 -0.86 5.05 26.83
N LYS A 46 -1.89 4.22 26.66
CA LYS A 46 -3.25 4.73 26.59
C LYS A 46 -3.71 5.26 27.94
N ALA A 47 -3.29 4.63 29.03
CA ALA A 47 -3.72 5.04 30.36
C ALA A 47 -3.01 6.30 30.84
N LYS A 48 -1.74 6.47 30.48
CA LYS A 48 -0.91 7.51 31.09
C LYS A 48 -0.52 8.60 30.10
N GLY A 49 -0.82 8.41 28.82
CA GLY A 49 -0.51 9.41 27.82
C GLY A 49 0.98 9.64 27.63
N VAL A 50 1.75 8.56 27.49
CA VAL A 50 3.20 8.61 27.43
C VAL A 50 3.69 7.57 26.46
N TRP A 51 4.84 7.84 25.83
CA TRP A 51 5.56 6.82 25.09
C TRP A 51 7.05 7.05 25.25
N SER A 52 7.81 5.96 25.18
CA SER A 52 9.27 6.03 25.20
C SER A 52 9.80 5.08 24.14
N THR A 53 10.81 5.51 23.40
CA THR A 53 11.38 4.70 22.33
C THR A 53 12.91 4.75 22.44
N LEU A 54 13.57 3.97 21.58
CA LEU A 54 15.02 3.92 21.60
C LEU A 54 15.60 5.23 21.07
N PRO A 55 16.80 5.60 21.51
CA PRO A 55 17.36 6.91 21.13
C PRO A 55 17.38 7.19 19.63
N VAL A 56 17.62 6.18 18.78
CA VAL A 56 17.61 6.41 17.34
C VAL A 56 16.27 7.00 16.89
N ASN A 57 15.18 6.52 17.46
CA ASN A 57 13.87 7.03 17.13
C ASN A 57 13.47 8.26 17.92
N GLU A 58 13.99 8.36 19.15
CA GLU A 58 13.75 9.55 19.95
C GLU A 58 14.26 10.79 19.25
N LYS A 59 15.47 10.70 18.69
CA LYS A 59 16.02 11.83 17.95
C LYS A 59 15.15 12.21 16.75
N LYS A 60 14.63 11.22 16.03
CA LYS A 60 13.79 11.53 14.87
C LYS A 60 12.48 12.18 15.30
N LEU A 61 11.87 11.68 16.36
CA LEU A 61 10.61 12.24 16.82
C LEU A 61 10.78 13.65 17.34
N ASN A 62 11.87 13.92 18.05
CA ASN A 62 12.12 15.28 18.52
C ASN A 62 12.29 16.25 17.36
N LEU A 63 13.03 15.83 16.32
CA LEU A 63 13.18 16.69 15.14
C LEU A 63 11.83 16.93 14.48
N ALA A 64 11.02 15.87 14.36
CA ALA A 64 9.72 16.02 13.73
C ALA A 64 8.80 16.92 14.54
N PHE A 65 8.86 16.82 15.88
CA PHE A 65 7.98 17.62 16.72
C PHE A 65 8.17 19.11 16.48
N ARG A 66 9.41 19.54 16.27
CA ARG A 66 9.71 20.94 15.98
C ARG A 66 9.34 21.34 14.56
N SER A 67 9.09 20.37 13.67
CA SER A 67 9.02 20.63 12.23
C SER A 67 7.60 20.67 11.68
N ALA A 68 6.61 20.26 12.47
CA ALA A 68 5.27 20.09 11.91
C ALA A 68 4.23 20.43 12.96
N ARG A 69 3.04 20.80 12.48
CA ARG A 69 1.98 21.22 13.38
C ARG A 69 1.51 20.06 14.28
N SER A 70 1.58 18.84 13.78
CA SER A 70 1.16 17.64 14.51
C SER A 70 2.10 16.51 14.12
N VAL A 71 2.56 15.75 15.11
CA VAL A 71 3.30 14.51 14.86
C VAL A 71 2.45 13.38 15.42
N ILE A 72 2.08 12.44 14.55
CA ILE A 72 1.11 11.39 14.89
C ILE A 72 1.85 10.07 15.01
N LEU A 73 1.66 9.36 16.11
CA LEU A 73 2.20 8.03 16.30
C LEU A 73 1.07 7.03 16.06
N ILE A 74 1.28 6.07 15.18
CA ILE A 74 0.29 5.04 14.86
C ILE A 74 0.83 3.73 15.41
N PHE A 75 0.08 3.12 16.35
CA PHE A 75 0.61 2.04 17.16
C PHE A 75 0.17 0.69 16.60
N SER A 76 1.10 -0.27 16.59
CA SER A 76 0.77 -1.66 16.25
C SER A 76 1.55 -2.60 17.16
N VAL A 77 0.83 -3.50 17.84
CA VAL A 77 1.47 -4.52 18.65
C VAL A 77 1.94 -5.65 17.73
N ARG A 78 3.23 -5.98 17.82
CA ARG A 78 3.81 -6.98 16.94
C ARG A 78 3.00 -8.28 17.05
N GLU A 79 2.75 -8.88 15.89
CA GLU A 79 2.05 -10.15 15.75
C GLU A 79 0.54 -10.07 16.02
N SER A 80 0.00 -8.87 16.27
CA SER A 80 -1.43 -8.78 16.55
C SER A 80 -2.28 -8.68 15.29
N GLY A 81 -1.68 -8.33 14.15
CA GLY A 81 -2.45 -8.14 12.93
C GLY A 81 -3.29 -6.89 12.90
N LYS A 82 -3.08 -5.95 13.82
CA LYS A 82 -3.92 -4.76 13.90
C LYS A 82 -3.07 -3.58 14.34
N PHE A 83 -3.60 -2.39 14.08
CA PHE A 83 -3.19 -1.19 14.78
C PHE A 83 -4.10 -0.99 15.99
N GLN A 84 -3.53 -0.46 17.08
CA GLN A 84 -4.31 -0.27 18.31
C GLN A 84 -4.78 1.15 18.54
N GLY A 85 -4.49 2.07 17.61
CA GLY A 85 -4.88 3.46 17.80
C GLY A 85 -3.80 4.41 17.35
N PHE A 86 -4.05 5.72 17.49
CA PHE A 86 -3.03 6.71 17.17
C PHE A 86 -3.14 7.90 18.11
N ALA A 87 -2.04 8.63 18.24
CA ALA A 87 -1.91 9.70 19.22
C ALA A 87 -1.02 10.78 18.63
N ARG A 88 -1.10 11.96 19.21
CA ARG A 88 -0.32 13.10 18.76
C ARG A 88 0.69 13.50 19.83
N LEU A 89 1.95 13.71 19.44
CA LEU A 89 2.93 14.20 20.39
C LEU A 89 2.49 15.55 20.95
N SER A 90 2.49 15.68 22.27
CA SER A 90 2.28 16.98 22.89
C SER A 90 3.55 17.61 23.43
N SER A 91 4.68 16.89 23.39
CA SER A 91 5.95 17.43 23.87
C SER A 91 7.08 16.67 23.19
N GLU A 92 8.27 17.28 23.19
CA GLU A 92 9.51 16.57 22.95
C GLU A 92 9.76 15.62 24.14
N SER A 93 10.73 14.73 23.97
CA SER A 93 11.04 13.81 25.07
C SER A 93 11.70 14.54 26.24
N HIS A 94 11.44 14.04 27.45
CA HIS A 94 12.07 14.54 28.66
C HIS A 94 12.40 13.37 29.57
N HIS A 95 13.38 13.59 30.44
CA HIS A 95 13.80 12.61 31.42
C HIS A 95 13.45 13.13 32.82
N GLY A 96 13.43 12.21 33.78
CA GLY A 96 13.29 12.58 35.17
C GLY A 96 11.87 12.60 35.71
N GLY A 97 10.93 11.90 35.07
CA GLY A 97 9.60 11.73 35.62
C GLY A 97 9.53 10.51 36.52
N SER A 98 8.30 10.14 36.88
CA SER A 98 8.08 8.89 37.59
C SER A 98 8.37 7.72 36.65
N PRO A 99 9.12 6.71 37.10
CA PRO A 99 9.48 5.61 36.18
C PRO A 99 8.25 4.84 35.73
N ILE A 100 8.11 4.70 34.42
CA ILE A 100 7.01 3.96 33.83
C ILE A 100 7.40 2.49 33.77
N HIS A 101 6.55 1.62 34.33
CA HIS A 101 6.88 0.20 34.44
C HIS A 101 6.60 -0.54 33.14
N TRP A 102 7.31 -0.14 32.09
CA TRP A 102 7.20 -0.82 30.80
C TRP A 102 7.58 -2.29 30.95
N VAL A 103 6.99 -3.13 30.11
CA VAL A 103 7.42 -4.51 29.96
C VAL A 103 8.44 -4.56 28.84
N LEU A 104 9.68 -4.92 29.18
CA LEU A 104 10.76 -4.94 28.21
C LEU A 104 11.29 -6.36 28.06
N PRO A 105 11.84 -6.72 26.89
CA PRO A 105 12.51 -7.99 26.64
C PRO A 105 13.46 -8.38 27.78
N SER A 109 16.31 -3.60 29.50
CA SER A 109 16.60 -2.67 30.59
C SER A 109 15.99 -1.29 30.32
N ALA A 110 15.55 -0.62 31.39
CA ALA A 110 14.87 0.66 31.22
C ALA A 110 15.84 1.78 30.85
N LYS A 111 17.10 1.65 31.23
CA LYS A 111 18.09 2.65 30.85
C LYS A 111 18.32 2.70 29.34
N MET A 112 18.04 1.60 28.63
CA MET A 112 18.23 1.57 27.19
C MET A 112 17.26 2.48 26.46
N LEU A 113 16.12 2.82 27.07
CA LEU A 113 15.16 3.70 26.45
C LEU A 113 15.62 5.15 26.56
N GLY A 114 15.10 5.98 25.65
CA GLY A 114 15.33 7.42 25.71
C GLY A 114 14.40 8.07 26.71
N GLY A 115 14.13 9.36 26.47
CA GLY A 115 13.22 10.11 27.32
C GLY A 115 11.77 9.68 27.09
N VAL A 116 10.87 10.42 27.74
CA VAL A 116 9.45 10.15 27.69
C VAL A 116 8.77 11.27 26.92
N PHE A 117 7.95 10.90 25.95
CA PHE A 117 7.11 11.82 25.20
C PHE A 117 5.73 11.82 25.83
N LYS A 118 5.17 13.01 26.04
CA LYS A 118 3.75 13.10 26.34
C LYS A 118 2.97 13.04 25.04
N ILE A 119 1.87 12.29 25.06
CA ILE A 119 1.02 12.12 23.89
C ILE A 119 -0.44 12.34 24.28
N ASP A 120 -1.23 12.82 23.32
CA ASP A 120 -2.67 12.94 23.45
C ASP A 120 -3.30 11.95 22.47
N TRP A 121 -4.10 11.04 22.98
CA TRP A 121 -4.70 10.06 22.10
C TRP A 121 -5.78 10.70 21.23
N ILE A 122 -5.81 10.27 19.98
CA ILE A 122 -6.81 10.74 19.03
CA ILE A 122 -6.81 10.75 19.03
C ILE A 122 -7.81 9.63 18.76
N CYS A 123 -7.36 8.38 18.86
CA CYS A 123 -8.22 7.24 18.63
C CYS A 123 -7.65 6.07 19.42
N ARG A 124 -8.45 5.50 20.32
CA ARG A 124 -8.04 4.32 21.07
C ARG A 124 -8.61 3.02 20.51
N ARG A 125 -9.31 3.09 19.38
CA ARG A 125 -9.90 1.94 18.74
C ARG A 125 -8.89 1.22 17.86
N GLU A 126 -9.13 -0.06 17.60
CA GLU A 126 -8.28 -0.87 16.74
C GLU A 126 -8.69 -0.76 15.28
N LEU A 127 -7.74 -1.07 14.41
CA LEU A 127 -8.00 -1.26 13.00
C LEU A 127 -7.22 -2.49 12.52
N PRO A 128 -7.88 -3.52 12.01
CA PRO A 128 -7.14 -4.67 11.52
C PRO A 128 -6.43 -4.35 10.22
N PHE A 129 -5.29 -5.01 10.02
CA PHE A 129 -4.47 -4.79 8.81
C PHE A 129 -5.25 -5.11 7.54
N THR A 130 -6.25 -6.00 7.62
CA THR A 130 -7.01 -6.31 6.40
C THR A 130 -7.70 -5.07 5.84
N LYS A 131 -7.97 -4.08 6.68
CA LYS A 131 -8.64 -2.86 6.25
C LYS A 131 -7.70 -1.82 5.65
N SER A 132 -6.39 -1.97 5.85
CA SER A 132 -5.43 -1.01 5.30
C SER A 132 -4.64 -1.56 4.12
N ALA A 133 -5.07 -2.69 3.55
CA ALA A 133 -4.31 -3.37 2.50
C ALA A 133 -4.21 -2.54 1.23
N HIS A 134 -5.09 -1.56 1.04
CA HIS A 134 -5.03 -0.70 -0.14
C HIS A 134 -4.10 0.49 0.03
N LEU A 135 -3.41 0.60 1.17
CA LEU A 135 -2.54 1.73 1.45
C LEU A 135 -1.09 1.29 1.47
N THR A 136 -0.27 1.92 0.62
CA THR A 136 1.16 1.68 0.55
C THR A 136 1.91 2.94 0.95
N ASN A 137 3.08 2.77 1.56
CA ASN A 137 3.86 3.86 2.13
C ASN A 137 5.03 4.15 1.21
N PRO A 138 5.01 5.27 0.49
CA PRO A 138 6.14 5.60 -0.40
C PRO A 138 7.49 5.64 0.31
N TRP A 139 7.52 5.94 1.61
CA TRP A 139 8.80 6.01 2.32
C TRP A 139 9.33 4.66 2.75
N ASN A 140 8.55 3.59 2.55
CA ASN A 140 9.06 2.23 2.72
C ASN A 140 8.79 1.43 1.44
N GLU A 141 9.31 1.92 0.32
CA GLU A 141 9.31 1.18 -0.95
C GLU A 141 7.91 0.82 -1.44
N HIS A 142 6.89 1.58 -1.03
CA HIS A 142 5.50 1.31 -1.38
C HIS A 142 5.02 -0.06 -0.91
N LYS A 143 5.65 -0.59 0.13
CA LYS A 143 5.09 -1.73 0.84
C LYS A 143 3.81 -1.34 1.58
N PRO A 144 2.91 -2.28 1.81
CA PRO A 144 1.70 -1.97 2.59
C PRO A 144 2.07 -1.28 3.90
N VAL A 145 1.25 -0.29 4.28
CA VAL A 145 1.60 0.59 5.38
C VAL A 145 1.78 -0.16 6.69
N LYS A 146 1.14 -1.33 6.84
CA LYS A 146 1.37 -2.17 8.01
C LYS A 146 2.82 -2.66 8.12
N ILE A 147 3.56 -2.70 7.03
CA ILE A 147 4.93 -3.18 7.04
C ILE A 147 5.87 -2.03 7.35
N GLY A 148 6.72 -2.22 8.35
CA GLY A 148 7.73 -1.22 8.68
C GLY A 148 8.40 -1.47 10.01
N ARG A 149 9.64 -1.03 10.12
CA ARG A 149 10.33 -1.08 11.40
C ARG A 149 9.71 -0.07 12.36
N ASP A 150 9.92 -0.31 13.64
CA ASP A 150 9.55 0.69 14.65
C ASP A 150 10.18 2.03 14.29
N GLY A 151 9.34 3.06 14.20
CA GLY A 151 9.82 4.39 13.86
C GLY A 151 9.77 4.75 12.39
N GLN A 152 9.33 3.85 11.53
CA GLN A 152 9.23 4.16 10.10
C GLN A 152 8.28 5.34 9.87
N GLU A 153 8.74 6.36 9.15
CA GLU A 153 7.85 7.45 8.82
C GLU A 153 6.89 7.02 7.72
N ILE A 154 5.66 7.51 7.82
CA ILE A 154 4.61 7.26 6.85
C ILE A 154 4.33 8.58 6.14
N GLU A 155 4.43 8.56 4.80
CA GLU A 155 4.17 9.75 4.00
C GLU A 155 2.77 10.31 4.26
N LEU A 156 2.63 11.63 4.09
CA LEU A 156 1.45 12.38 4.52
C LEU A 156 0.14 11.79 4.01
N GLU A 157 0.03 11.53 2.71
CA GLU A 157 -1.23 11.06 2.14
C GLU A 157 -1.61 9.69 2.69
N CYS A 158 -0.65 8.77 2.70
CA CYS A 158 -0.90 7.43 3.24
C CYS A 158 -1.24 7.50 4.73
N GLY A 159 -0.53 8.36 5.48
CA GLY A 159 -0.79 8.44 6.91
C GLY A 159 -2.15 9.02 7.22
N THR A 160 -2.56 10.05 6.46
CA THR A 160 -3.88 10.64 6.63
C THR A 160 -4.97 9.64 6.34
N GLN A 161 -4.86 8.94 5.20
CA GLN A 161 -5.88 7.96 4.86
C GLN A 161 -5.92 6.82 5.87
N LEU A 162 -4.76 6.41 6.39
CA LEU A 162 -4.76 5.34 7.39
C LEU A 162 -5.51 5.77 8.63
N CYS A 163 -5.20 6.97 9.14
CA CYS A 163 -5.90 7.47 10.33
C CYS A 163 -7.40 7.58 10.10
N LEU A 164 -7.80 8.02 8.91
CA LEU A 164 -9.23 8.15 8.59
C LEU A 164 -9.95 6.81 8.51
N LEU A 165 -9.21 5.69 8.39
CA LEU A 165 -9.82 4.37 8.34
C LEU A 165 -10.28 3.90 9.71
N PHE A 166 -9.64 4.39 10.78
CA PHE A 166 -9.98 3.91 12.11
C PHE A 166 -11.44 4.22 12.42
N PRO A 167 -12.11 3.35 13.17
CA PRO A 167 -13.44 3.67 13.66
C PRO A 167 -13.40 4.96 14.45
N PRO A 168 -14.42 5.81 14.34
CA PRO A 168 -14.47 7.01 15.17
C PRO A 168 -14.40 6.64 16.65
N ASP A 169 -13.66 7.43 17.40
CA ASP A 169 -13.57 7.25 18.85
C ASP A 169 -14.32 8.39 19.54
N GLU A 170 -15.58 8.11 19.87
CA GLU A 170 -16.50 9.09 20.42
C GLU A 170 -16.18 9.49 21.85
N SER A 171 -15.24 8.82 22.50
CA SER A 171 -14.78 9.24 23.81
C SER A 171 -13.82 10.42 23.74
N ILE A 172 -13.35 10.79 22.54
CA ILE A 172 -12.29 11.79 22.38
C ILE A 172 -12.90 13.10 21.94
N ASP A 173 -12.41 14.20 22.52
CA ASP A 173 -12.77 15.55 22.11
C ASP A 173 -11.48 16.22 21.65
N LEU A 174 -11.37 16.50 20.35
CA LEU A 174 -10.17 17.13 19.79
C LEU A 174 -10.08 18.63 20.01
N TYR A 175 -11.06 19.26 20.67
CA TYR A 175 -10.98 20.68 20.95
C TYR A 175 -9.69 21.05 21.65
N GLN A 176 -9.33 20.30 22.70
CA GLN A 176 -8.13 20.64 23.47
C GLN A 176 -6.85 20.38 22.69
N VAL A 177 -6.85 19.38 21.81
CA VAL A 177 -5.67 19.12 21.00
C VAL A 177 -5.47 20.21 19.96
N ILE A 178 -6.57 20.67 19.35
CA ILE A 178 -6.48 21.76 18.38
C ILE A 178 -5.80 22.98 19.00
N HIS A 179 -6.10 23.29 20.26
CA HIS A 179 -5.52 24.44 20.92
C HIS A 179 -4.02 24.29 21.15
N LYS A 180 -3.50 23.05 21.20
CA LYS A 180 -2.07 22.86 21.34
C LYS A 180 -1.30 23.08 20.04
N MET A 181 -1.98 23.12 18.91
CA MET A 181 -1.30 23.24 17.63
C MET A 181 -0.75 24.67 17.45
N GLY B 18 -13.87 -23.11 -8.31
CA GLY B 18 -13.99 -23.49 -9.71
C GLY B 18 -13.53 -22.40 -10.65
N THR B 19 -13.50 -22.70 -11.94
CA THR B 19 -12.95 -21.78 -12.93
C THR B 19 -14.00 -21.15 -13.84
N SER B 20 -15.30 -21.39 -13.60
CA SER B 20 -16.34 -20.86 -14.47
C SER B 20 -16.32 -19.34 -14.53
N LYS B 21 -16.24 -18.68 -13.36
CA LYS B 21 -16.22 -17.22 -13.36
C LYS B 21 -15.03 -16.67 -14.12
N LEU B 22 -13.84 -17.16 -13.83
CA LEU B 22 -12.66 -16.62 -14.50
C LEU B 22 -12.70 -16.90 -16.00
N LYS B 23 -13.16 -18.09 -16.40
CA LYS B 23 -13.24 -18.39 -17.82
C LYS B 23 -14.22 -17.46 -18.52
N TYR B 24 -15.29 -17.06 -17.83
CA TYR B 24 -16.21 -16.09 -18.40
C TYR B 24 -15.53 -14.75 -18.59
N VAL B 25 -14.76 -14.31 -17.59
CA VAL B 25 -14.09 -13.01 -17.71
C VAL B 25 -13.14 -13.02 -18.90
N LEU B 26 -12.51 -14.16 -19.18
CA LEU B 26 -11.47 -14.28 -20.18
C LEU B 26 -11.98 -14.70 -21.55
N GLN B 27 -13.29 -14.88 -21.73
CA GLN B 27 -13.80 -15.59 -22.91
C GLN B 27 -13.47 -14.84 -24.20
N ASP B 28 -13.61 -13.52 -24.19
CA ASP B 28 -13.18 -12.67 -25.32
C ASP B 28 -12.20 -11.69 -24.73
N ALA B 29 -10.96 -12.14 -24.55
CA ALA B 29 -9.96 -11.30 -23.90
C ALA B 29 -8.75 -11.10 -24.80
N ARG B 30 -8.11 -9.95 -24.64
CA ARG B 30 -6.74 -9.79 -25.10
C ARG B 30 -5.83 -9.72 -23.89
N PHE B 31 -4.57 -10.12 -24.09
CA PHE B 31 -3.61 -10.28 -23.00
C PHE B 31 -2.30 -9.60 -23.36
N PHE B 32 -1.74 -8.85 -22.40
CA PHE B 32 -0.49 -8.14 -22.60
C PHE B 32 0.44 -8.41 -21.43
N LEU B 33 1.68 -8.79 -21.74
CA LEU B 33 2.73 -8.86 -20.75
C LEU B 33 3.19 -7.47 -20.36
N ILE B 34 3.28 -7.23 -19.05
CA ILE B 34 3.80 -5.98 -18.49
C ILE B 34 5.08 -6.32 -17.75
N LYS B 35 6.20 -5.79 -18.22
CA LYS B 35 7.49 -6.04 -17.58
C LYS B 35 7.90 -4.78 -16.84
N SER B 36 8.13 -4.90 -15.54
CA SER B 36 8.51 -3.77 -14.70
C SER B 36 9.91 -3.95 -14.17
N ASN B 37 10.66 -2.84 -14.03
CA ASN B 37 12.01 -2.96 -13.52
C ASN B 37 12.08 -3.09 -12.00
N ASN B 38 11.04 -2.69 -11.29
CA ASN B 38 11.10 -2.69 -9.83
C ASN B 38 9.81 -3.26 -9.24
N HIS B 39 9.90 -3.61 -7.97
CA HIS B 39 8.71 -4.09 -7.28
C HIS B 39 7.83 -2.94 -6.82
N GLU B 40 8.41 -1.75 -6.66
CA GLU B 40 7.69 -0.67 -6.00
C GLU B 40 6.47 -0.23 -6.81
N ASN B 41 6.63 -0.05 -8.12
CA ASN B 41 5.49 0.41 -8.90
C ASN B 41 4.42 -0.67 -9.04
N VAL B 42 4.82 -1.94 -9.03
CA VAL B 42 3.84 -3.03 -9.00
C VAL B 42 3.09 -3.04 -7.68
N SER B 43 3.81 -2.83 -6.57
CA SER B 43 3.13 -2.76 -5.27
C SER B 43 2.15 -1.60 -5.21
N LEU B 44 2.55 -0.44 -5.72
CA LEU B 44 1.64 0.69 -5.77
C LEU B 44 0.43 0.36 -6.63
N ALA B 45 0.66 -0.25 -7.80
CA ALA B 45 -0.41 -0.55 -8.73
C ALA B 45 -1.39 -1.54 -8.13
N LYS B 46 -0.86 -2.50 -7.37
CA LYS B 46 -1.71 -3.52 -6.75
C LYS B 46 -2.66 -2.92 -5.72
N ALA B 47 -2.20 -1.92 -4.99
CA ALA B 47 -3.04 -1.39 -3.92
C ALA B 47 -4.03 -0.36 -4.45
N LYS B 48 -3.62 0.43 -5.44
CA LYS B 48 -4.43 1.54 -5.95
C LYS B 48 -5.24 1.18 -7.19
N GLY B 49 -4.90 0.10 -7.88
CA GLY B 49 -5.65 -0.29 -9.06
C GLY B 49 -5.41 0.62 -10.25
N VAL B 50 -4.16 0.90 -10.56
CA VAL B 50 -3.80 1.82 -11.62
C VAL B 50 -2.55 1.30 -12.32
N TRP B 51 -2.39 1.70 -13.59
CA TRP B 51 -1.15 1.44 -14.30
C TRP B 51 -0.95 2.54 -15.34
N SER B 52 0.31 2.85 -15.63
CA SER B 52 0.70 3.76 -16.69
C SER B 52 1.89 3.16 -17.44
N THR B 53 1.97 3.43 -18.74
CA THR B 53 3.00 2.83 -19.56
C THR B 53 3.49 3.85 -20.59
N LEU B 54 4.51 3.46 -21.36
CA LEU B 54 5.06 4.36 -22.38
C LEU B 54 4.10 4.48 -23.57
N PRO B 55 4.32 5.49 -24.43
CA PRO B 55 3.30 5.82 -25.44
C PRO B 55 2.92 4.69 -26.38
N VAL B 56 3.89 3.91 -26.86
CA VAL B 56 3.55 2.85 -27.80
C VAL B 56 2.61 1.84 -27.17
N ASN B 57 2.89 1.46 -25.92
CA ASN B 57 2.00 0.52 -25.25
C ASN B 57 0.69 1.17 -24.82
N GLU B 58 0.70 2.46 -24.45
CA GLU B 58 -0.55 3.11 -24.09
C GLU B 58 -1.55 3.06 -25.25
N LYS B 59 -1.06 3.35 -26.47
CA LYS B 59 -1.91 3.33 -27.64
C LYS B 59 -2.45 1.92 -27.89
N LYS B 60 -1.55 0.93 -27.83
CA LYS B 60 -1.95 -0.46 -27.98
C LYS B 60 -3.06 -0.86 -27.01
N LEU B 61 -2.91 -0.50 -25.74
CA LEU B 61 -3.89 -0.87 -24.73
C LEU B 61 -5.22 -0.15 -24.93
N ASN B 62 -5.17 1.13 -25.32
CA ASN B 62 -6.42 1.84 -25.58
C ASN B 62 -7.18 1.23 -26.75
N LEU B 63 -6.47 0.89 -27.84
CA LEU B 63 -7.11 0.18 -28.94
C LEU B 63 -7.65 -1.17 -28.47
N ALA B 64 -6.87 -1.88 -27.67
CA ALA B 64 -7.31 -3.18 -27.18
C ALA B 64 -8.58 -3.04 -26.36
N PHE B 65 -8.67 -1.99 -25.55
CA PHE B 65 -9.82 -1.83 -24.65
C PHE B 65 -11.12 -1.74 -25.42
N ARG B 66 -11.09 -1.14 -26.61
CA ARG B 66 -12.27 -0.97 -27.46
C ARG B 66 -12.54 -2.15 -28.37
N SER B 67 -11.67 -3.15 -28.41
CA SER B 67 -11.80 -4.25 -29.36
C SER B 67 -12.09 -5.59 -28.70
N ALA B 68 -12.04 -5.68 -27.37
CA ALA B 68 -12.24 -6.94 -26.68
C ALA B 68 -13.04 -6.71 -25.42
N ARG B 69 -13.81 -7.73 -25.05
CA ARG B 69 -14.63 -7.69 -23.85
C ARG B 69 -13.78 -7.48 -22.58
N SER B 70 -12.56 -8.01 -22.56
CA SER B 70 -11.66 -7.81 -21.44
C SER B 70 -10.24 -7.67 -21.96
N VAL B 71 -9.48 -6.76 -21.37
CA VAL B 71 -8.05 -6.61 -21.64
C VAL B 71 -7.29 -6.91 -20.36
N ILE B 72 -6.41 -7.91 -20.41
CA ILE B 72 -5.72 -8.43 -19.25
C ILE B 72 -4.26 -8.02 -19.33
N LEU B 73 -3.72 -7.50 -18.23
CA LEU B 73 -2.31 -7.20 -18.06
C LEU B 73 -1.73 -8.24 -17.13
N ILE B 74 -0.69 -8.94 -17.57
CA ILE B 74 -0.04 -9.97 -16.77
C ILE B 74 1.35 -9.44 -16.42
N PHE B 75 1.61 -9.26 -15.14
CA PHE B 75 2.77 -8.52 -14.66
C PHE B 75 3.96 -9.41 -14.33
N SER B 76 5.15 -8.96 -14.72
CA SER B 76 6.37 -9.63 -14.32
C SER B 76 7.47 -8.62 -14.06
N VAL B 77 8.06 -8.68 -12.87
CA VAL B 77 9.20 -7.85 -12.54
C VAL B 77 10.46 -8.49 -13.12
N ARG B 78 11.21 -7.69 -13.88
CA ARG B 78 12.42 -8.20 -14.51
C ARG B 78 13.36 -8.80 -13.48
N GLU B 79 13.95 -9.94 -13.84
CA GLU B 79 14.91 -10.71 -13.06
C GLU B 79 14.30 -11.41 -11.85
N SER B 80 12.98 -11.35 -11.67
CA SER B 80 12.36 -11.99 -10.52
C SER B 80 12.09 -13.47 -10.74
N GLY B 81 12.09 -13.93 -11.99
CA GLY B 81 11.73 -15.32 -12.28
C GLY B 81 10.26 -15.66 -12.08
N LYS B 82 9.39 -14.65 -11.95
CA LYS B 82 8.00 -14.90 -11.62
C LYS B 82 7.12 -13.87 -12.30
N PHE B 83 5.84 -14.22 -12.43
CA PHE B 83 4.78 -13.23 -12.61
C PHE B 83 4.25 -12.86 -11.22
N GLN B 84 3.82 -11.60 -11.08
CA GLN B 84 3.35 -11.11 -9.79
C GLN B 84 1.83 -10.97 -9.72
N GLY B 85 1.12 -11.26 -10.79
CA GLY B 85 -0.32 -11.20 -10.79
C GLY B 85 -0.84 -10.77 -12.15
N PHE B 86 -2.16 -10.64 -12.22
CA PHE B 86 -2.79 -10.14 -13.44
C PHE B 86 -4.05 -9.33 -13.11
N ALA B 87 -4.39 -8.43 -14.03
CA ALA B 87 -5.42 -7.44 -13.81
C ALA B 87 -6.15 -7.16 -15.11
N ARG B 88 -7.38 -6.69 -15.01
CA ARG B 88 -8.22 -6.33 -16.15
C ARG B 88 -8.40 -4.82 -16.22
N LEU B 89 -8.14 -4.24 -17.39
CA LEU B 89 -8.46 -2.82 -17.56
C LEU B 89 -9.95 -2.55 -17.35
N SER B 90 -10.25 -1.51 -16.56
CA SER B 90 -11.61 -1.01 -16.47
C SER B 90 -11.79 0.31 -17.17
N SER B 91 -10.73 0.88 -17.72
CA SER B 91 -10.82 2.12 -18.49
C SER B 91 -9.69 2.18 -19.50
N GLU B 92 -9.88 3.03 -20.50
CA GLU B 92 -8.76 3.56 -21.27
C GLU B 92 -7.92 4.48 -20.39
N SER B 93 -6.77 4.87 -20.90
CA SER B 93 -5.92 5.77 -20.13
C SER B 93 -6.60 7.14 -20.07
N HIS B 94 -6.37 7.84 -18.97
CA HIS B 94 -6.95 9.17 -18.82
C HIS B 94 -5.93 10.08 -18.18
N HIS B 95 -5.92 11.33 -18.62
CA HIS B 95 -5.02 12.33 -18.10
C HIS B 95 -5.78 13.24 -17.14
N GLY B 96 -5.02 13.91 -16.27
CA GLY B 96 -5.63 14.64 -15.18
C GLY B 96 -5.63 13.83 -13.90
N GLY B 97 -6.81 13.32 -13.54
CA GLY B 97 -7.09 12.56 -12.32
C GLY B 97 -6.01 12.37 -11.28
N SER B 98 -5.40 13.47 -10.82
CA SER B 98 -4.47 13.59 -9.70
C SER B 98 -3.28 12.63 -9.77
N PRO B 99 -2.06 13.15 -9.81
CA PRO B 99 -0.89 12.32 -10.13
C PRO B 99 -0.73 11.06 -9.30
N ILE B 100 -0.67 9.91 -9.96
CA ILE B 100 -0.15 8.72 -9.32
C ILE B 100 1.36 8.95 -9.16
N HIS B 101 1.87 8.76 -7.95
CA HIS B 101 3.25 9.13 -7.69
C HIS B 101 4.18 7.93 -7.86
N TRP B 102 4.34 7.54 -9.12
CA TRP B 102 5.20 6.42 -9.46
C TRP B 102 6.64 6.71 -9.05
N VAL B 103 7.34 5.66 -8.65
CA VAL B 103 8.80 5.77 -8.52
C VAL B 103 9.38 5.79 -9.92
N LEU B 104 10.01 6.89 -10.26
CA LEU B 104 10.48 7.04 -11.64
C LEU B 104 11.95 6.69 -11.71
N PRO B 105 12.38 5.87 -12.67
CA PRO B 105 13.78 5.46 -12.76
C PRO B 105 14.59 6.43 -13.62
N ALA B 106 15.92 6.27 -13.54
CA ALA B 106 16.91 7.00 -14.34
C ALA B 106 16.51 8.43 -14.65
N GLY B 107 16.31 8.73 -15.94
CA GLY B 107 15.94 10.06 -16.36
C GLY B 107 14.53 10.15 -16.89
N MET B 108 13.58 9.56 -16.17
CA MET B 108 12.19 9.54 -16.59
C MET B 108 11.42 10.63 -15.86
N SER B 109 10.64 11.38 -16.60
CA SER B 109 9.73 12.37 -16.03
C SER B 109 8.34 11.78 -15.92
N ALA B 110 7.50 12.44 -15.11
CA ALA B 110 6.13 11.97 -14.95
C ALA B 110 5.39 11.97 -16.29
N LYS B 111 5.62 13.00 -17.11
CA LYS B 111 4.95 13.09 -18.40
C LYS B 111 5.35 11.96 -19.35
N MET B 112 6.53 11.36 -19.14
CA MET B 112 6.99 10.28 -20.01
C MET B 112 5.98 9.14 -20.02
N LEU B 113 5.42 8.82 -18.86
CA LEU B 113 4.24 7.98 -18.79
C LEU B 113 3.01 8.87 -18.98
N GLY B 114 2.17 8.51 -19.94
CA GLY B 114 1.04 9.35 -20.27
C GLY B 114 -0.10 9.23 -19.28
N GLY B 115 -1.20 8.65 -19.73
CA GLY B 115 -2.38 8.57 -18.91
C GLY B 115 -2.34 7.43 -17.91
N VAL B 116 -3.35 7.44 -17.06
CA VAL B 116 -3.53 6.40 -16.05
C VAL B 116 -4.63 5.46 -16.52
N PHE B 117 -4.33 4.17 -16.56
CA PHE B 117 -5.36 3.15 -16.74
C PHE B 117 -5.88 2.73 -15.38
N LYS B 118 -7.20 2.67 -15.23
CA LYS B 118 -7.78 2.01 -14.06
C LYS B 118 -7.83 0.52 -14.34
N ILE B 119 -7.44 -0.29 -13.36
CA ILE B 119 -7.38 -1.74 -13.50
C ILE B 119 -7.95 -2.40 -12.25
N ASP B 120 -8.60 -3.53 -12.44
CA ASP B 120 -9.10 -4.34 -11.35
C ASP B 120 -8.24 -5.60 -11.30
N TRP B 121 -7.54 -5.81 -10.20
CA TRP B 121 -6.73 -7.02 -10.08
C TRP B 121 -7.59 -8.26 -9.94
N ILE B 122 -7.17 -9.32 -10.61
CA ILE B 122 -7.88 -10.59 -10.56
C ILE B 122 -7.06 -11.55 -9.70
N CYS B 123 -5.73 -11.42 -9.73
CA CYS B 123 -4.88 -12.23 -8.87
C CYS B 123 -3.67 -11.37 -8.55
N ARG B 124 -3.34 -11.27 -7.27
CA ARG B 124 -2.13 -10.57 -6.85
C ARG B 124 -1.07 -11.52 -6.30
N ARG B 125 -1.22 -12.82 -6.49
CA ARG B 125 -0.26 -13.79 -6.01
C ARG B 125 0.72 -14.15 -7.11
N GLU B 126 1.90 -14.59 -6.70
CA GLU B 126 2.98 -14.90 -7.63
C GLU B 126 2.75 -16.23 -8.34
N LEU B 127 3.25 -16.31 -9.57
CA LEU B 127 3.34 -17.55 -10.33
C LEU B 127 4.78 -17.66 -10.84
N PRO B 128 5.57 -18.60 -10.33
CA PRO B 128 6.93 -18.76 -10.84
C PRO B 128 6.94 -19.26 -12.28
N PHE B 129 7.95 -18.80 -13.02
CA PHE B 129 8.13 -19.26 -14.40
C PHE B 129 8.22 -20.78 -14.51
N THR B 130 8.68 -21.45 -13.45
CA THR B 130 8.74 -22.91 -13.46
C THR B 130 7.36 -23.55 -13.60
N LYS B 131 6.28 -22.83 -13.32
CA LYS B 131 4.94 -23.36 -13.53
C LYS B 131 4.34 -23.02 -14.88
N SER B 132 5.00 -22.19 -15.70
CA SER B 132 4.47 -21.83 -17.01
C SER B 132 5.39 -22.30 -18.13
N ALA B 133 6.32 -23.20 -17.84
CA ALA B 133 7.35 -23.61 -18.78
C ALA B 133 6.82 -24.36 -19.99
N HIS B 134 5.64 -24.95 -19.88
CA HIS B 134 5.00 -25.68 -20.97
C HIS B 134 4.21 -24.78 -21.90
N LEU B 135 4.07 -23.48 -21.59
CA LEU B 135 3.23 -22.58 -22.38
C LEU B 135 4.10 -21.72 -23.29
N THR B 136 3.74 -21.69 -24.57
CA THR B 136 4.45 -20.92 -25.58
C THR B 136 3.46 -19.97 -26.27
N ASN B 137 3.94 -18.77 -26.63
CA ASN B 137 3.06 -17.75 -27.17
C ASN B 137 3.22 -17.75 -28.68
N PRO B 138 2.19 -18.14 -29.46
CA PRO B 138 2.34 -18.11 -30.92
C PRO B 138 2.64 -16.74 -31.49
N TRP B 139 2.24 -15.68 -30.79
CA TRP B 139 2.44 -14.33 -31.32
C TRP B 139 3.79 -13.75 -30.94
N ASN B 140 4.66 -14.56 -30.32
CA ASN B 140 6.06 -14.24 -30.10
C ASN B 140 6.92 -15.43 -30.50
N GLU B 141 6.72 -15.90 -31.73
CA GLU B 141 7.55 -16.95 -32.36
C GLU B 141 7.50 -18.26 -31.60
N HIS B 142 6.39 -18.53 -30.92
CA HIS B 142 6.21 -19.77 -30.15
C HIS B 142 7.29 -19.94 -29.07
N LYS B 143 7.80 -18.82 -28.54
CA LYS B 143 8.71 -18.82 -27.41
C LYS B 143 7.92 -18.98 -26.11
N PRO B 144 8.55 -19.52 -25.07
CA PRO B 144 7.86 -19.65 -23.78
C PRO B 144 7.26 -18.32 -23.36
N VAL B 145 6.06 -18.39 -22.79
CA VAL B 145 5.26 -17.18 -22.54
C VAL B 145 5.95 -16.19 -21.61
N LYS B 146 6.86 -16.64 -20.75
CA LYS B 146 7.60 -15.73 -19.88
C LYS B 146 8.47 -14.77 -20.68
N ILE B 147 8.80 -15.09 -21.93
CA ILE B 147 9.69 -14.27 -22.74
C ILE B 147 8.89 -13.22 -23.47
N GLY B 148 9.28 -11.97 -23.32
CA GLY B 148 8.65 -10.89 -24.06
C GLY B 148 9.06 -9.53 -23.54
N ARG B 149 9.02 -8.54 -24.40
CA ARG B 149 9.24 -7.17 -23.99
C ARG B 149 7.98 -6.65 -23.29
N ASP B 150 8.14 -5.52 -22.60
CA ASP B 150 7.00 -4.88 -22.00
C ASP B 150 5.98 -4.59 -23.10
N GLY B 151 4.74 -5.00 -22.87
CA GLY B 151 3.67 -4.83 -23.84
C GLY B 151 3.47 -5.97 -24.82
N GLN B 152 4.30 -7.01 -24.78
CA GLN B 152 4.15 -8.13 -25.70
C GLN B 152 2.75 -8.69 -25.61
N GLU B 153 2.05 -8.78 -26.74
CA GLU B 153 0.71 -9.34 -26.71
C GLU B 153 0.79 -10.86 -26.68
N ILE B 154 -0.11 -11.48 -25.91
CA ILE B 154 -0.16 -12.92 -25.76
C ILE B 154 -1.44 -13.44 -26.41
N GLU B 155 -1.30 -14.43 -27.29
CA GLU B 155 -2.45 -14.99 -27.99
C GLU B 155 -3.46 -15.55 -27.00
N LEU B 156 -4.74 -15.53 -27.41
CA LEU B 156 -5.87 -15.83 -26.53
C LEU B 156 -5.72 -17.13 -25.74
N GLU B 157 -5.50 -18.25 -26.43
CA GLU B 157 -5.47 -19.51 -25.70
C GLU B 157 -4.29 -19.59 -24.74
N CYS B 158 -3.12 -19.12 -25.16
CA CYS B 158 -1.95 -19.10 -24.29
C CYS B 158 -2.19 -18.21 -23.08
N GLY B 159 -2.71 -17.00 -23.31
CA GLY B 159 -2.98 -16.09 -22.21
C GLY B 159 -4.00 -16.65 -21.24
N THR B 160 -5.05 -17.29 -21.77
CA THR B 160 -6.06 -17.91 -20.91
C THR B 160 -5.45 -18.99 -20.05
N GLN B 161 -4.69 -19.91 -20.66
CA GLN B 161 -4.06 -20.96 -19.85
C GLN B 161 -3.09 -20.40 -18.83
N LEU B 162 -2.33 -19.35 -19.21
CA LEU B 162 -1.44 -18.73 -18.24
C LEU B 162 -2.21 -18.19 -17.03
N CYS B 163 -3.30 -17.47 -17.29
CA CYS B 163 -4.08 -16.92 -16.18
C CYS B 163 -4.64 -18.01 -15.28
N LEU B 164 -5.02 -19.16 -15.87
CA LEU B 164 -5.60 -20.24 -15.09
C LEU B 164 -4.56 -20.94 -14.21
N LEU B 165 -3.27 -20.75 -14.49
CA LEU B 165 -2.24 -21.32 -13.64
C LEU B 165 -2.12 -20.63 -12.28
N PHE B 166 -2.52 -19.37 -12.18
CA PHE B 166 -2.34 -18.64 -10.93
C PHE B 166 -3.19 -19.25 -9.82
N PRO B 167 -2.73 -19.21 -8.58
CA PRO B 167 -3.53 -19.74 -7.46
C PRO B 167 -4.64 -18.79 -7.10
N PRO B 168 -5.68 -19.27 -6.41
CA PRO B 168 -6.79 -18.37 -6.05
C PRO B 168 -6.37 -17.35 -5.03
N ASP B 169 -6.83 -16.11 -5.22
CA ASP B 169 -6.46 -15.00 -4.35
C ASP B 169 -7.64 -14.69 -3.43
N GLU B 170 -7.47 -14.99 -2.14
CA GLU B 170 -8.53 -14.82 -1.15
C GLU B 170 -8.87 -13.34 -0.90
N SER B 171 -8.02 -12.40 -1.33
CA SER B 171 -8.28 -10.98 -1.13
C SER B 171 -9.13 -10.39 -2.24
N ILE B 172 -9.46 -11.17 -3.26
CA ILE B 172 -10.12 -10.65 -4.46
C ILE B 172 -11.47 -11.33 -4.65
N ASP B 173 -12.45 -10.53 -5.04
CA ASP B 173 -13.81 -10.96 -5.36
C ASP B 173 -14.05 -10.60 -6.83
N LEU B 174 -14.18 -11.61 -7.69
CA LEU B 174 -14.41 -11.36 -9.11
C LEU B 174 -15.73 -10.67 -9.39
N TYR B 175 -16.61 -10.54 -8.39
CA TYR B 175 -17.94 -10.00 -8.64
C TYR B 175 -17.90 -8.63 -9.30
N GLN B 176 -16.97 -7.76 -8.88
CA GLN B 176 -16.94 -6.41 -9.43
C GLN B 176 -16.59 -6.42 -10.91
N VAL B 177 -15.64 -7.25 -11.31
CA VAL B 177 -15.25 -7.33 -12.72
C VAL B 177 -16.42 -7.84 -13.55
N ILE B 178 -17.05 -8.91 -13.08
CA ILE B 178 -18.13 -9.51 -13.86
C ILE B 178 -19.26 -8.51 -14.08
N HIS B 179 -19.55 -7.69 -13.09
CA HIS B 179 -20.65 -6.74 -13.19
C HIS B 179 -20.36 -5.58 -14.13
N LYS B 180 -19.09 -5.26 -14.37
CA LYS B 180 -18.74 -4.15 -15.26
C LYS B 180 -18.41 -4.58 -16.68
N MET B 181 -18.64 -5.84 -17.03
CA MET B 181 -18.24 -6.31 -18.34
C MET B 181 -19.32 -6.05 -19.38
C10 7RT C . 12.19 -0.19 21.43
C01 7RT C . 7.54 1.53 25.68
C03 7RT C . 8.97 0.08 24.25
C04 7RT C . 10.11 -0.03 23.27
C05 7RT C . 10.93 -1.19 23.23
C06 7RT C . 10.96 -2.42 23.96
C07 7RT C . 12.01 -3.16 23.44
C09 7RT C . 11.95 -1.27 22.33
C11 7RT C . 11.40 0.95 21.48
C12 7RT C . 10.34 1.02 22.39
N02 7RT C . 8.63 1.39 24.75
N08 7RT C . 12.59 -2.46 22.47
O13 7RT C . 8.35 -0.88 24.58
S SO4 D . -16.63 17.56 13.93
O1 SO4 D . -17.17 16.42 14.69
O2 SO4 D . -16.82 17.29 12.52
O3 SO4 D . -17.30 18.79 14.35
O4 SO4 D . -15.20 17.65 14.25
S SO4 E . 12.62 -3.17 14.50
O1 SO4 E . 12.70 -4.06 13.34
O2 SO4 E . 11.24 -2.71 14.68
O3 SO4 E . 13.03 -3.91 15.71
O4 SO4 E . 13.52 -2.04 14.29
S SO4 F . 12.37 6.72 7.23
O1 SO4 F . 11.37 6.75 8.31
O2 SO4 F . 11.70 6.57 5.94
O3 SO4 F . 13.17 7.96 7.24
O4 SO4 F . 13.24 5.56 7.42
S SO4 G . 15.32 16.80 29.89
O1 SO4 G . 15.63 15.85 28.83
O2 SO4 G . 14.49 17.88 29.34
O3 SO4 G . 14.57 16.12 30.96
O4 SO4 G . 16.56 17.34 30.43
C10 7RT H . 7.87 1.70 -18.89
C01 7RT H . 3.97 2.61 -13.73
C03 7RT H . 6.06 2.05 -14.98
C04 7RT H . 6.72 1.93 -16.35
C05 7RT H . 8.11 2.16 -16.52
C06 7RT H . 9.17 2.52 -15.63
C07 7RT H . 10.31 2.59 -16.43
C09 7RT H . 8.67 2.04 -17.77
C11 7RT H . 6.51 1.48 -18.73
C12 7RT H . 5.93 1.59 -17.45
N02 7RT H . 4.68 2.49 -14.97
N08 7RT H . 10.00 2.31 -17.68
O13 7RT H . 6.64 1.82 -13.98
S SO4 I . 1.90 -14.84 -2.76
O1 SO4 I . 1.17 -16.06 -3.08
O2 SO4 I . 1.02 -13.83 -2.21
O3 SO4 I . 2.95 -15.12 -1.79
O4 SO4 I . 2.53 -14.28 -3.96
S SO4 J . 11.59 -3.56 -22.90
O1 SO4 J . 10.68 -4.37 -22.09
O2 SO4 J . 10.86 -2.75 -23.88
O3 SO4 J . 12.36 -2.67 -22.02
O4 SO4 J . 12.50 -4.45 -23.61
S SO4 K . -7.98 11.79 -21.63
O1 SO4 K . -8.97 11.50 -20.59
O2 SO4 K . -8.65 12.45 -22.74
O3 SO4 K . -7.35 10.57 -22.10
O4 SO4 K . -6.96 12.65 -21.03
#